data_2ZEU
#
_entry.id   2ZEU
#
_cell.length_a   47.256
_cell.length_b   116.207
_cell.length_c   129.385
_cell.angle_alpha   90.00
_cell.angle_beta   90.00
_cell.angle_gamma   90.00
#
_symmetry.space_group_name_H-M   'P 21 21 21'
#
loop_
_entity.id
_entity.type
_entity.pdbx_description
1 polymer 'Geranylgeranyl pyrophosphate synthetase'
2 non-polymer 3-(DECYLOXY)-1-(2,2-DIPHOSPHONOETHYL)PYRIDINIUM
3 water water
#
_entity_poly.entity_id   1
_entity_poly.type   'polypeptide(L)'
_entity_poly.pdbx_seq_one_letter_code
;MTKNKMEAKIDELINNDPVWSSQNESLISKPYNHILLKPGKNFRLNLIVQINRVMNLPKDQLAIVSQIVELLHNSSLLID
DIEDNAPLRRGQTTSHLIFGVPSTINTANYMYFRAMQLVSQLTTKEPLYHNLITIFNEELINLHRGQGLDIYWRDFLPEI
IPTQEMYLNMVMNKTGGLFRLTLRLMEALSPSSHHGHSLVPFINLLGIIYQIRDDYLNLKDFQMSSEKGFAEDITEGKLS
FPIVHALNFTKTKGQTEQHNEILRILLLRTSDKDIKLKLIQILEFDTNSLAYTKNFINQLVNMIKNDNENKYLPDLASHS
DTATNLHDELLYIIDHLSEL
;
_entity_poly.pdbx_strand_id   A,B
#
loop_
_chem_comp.id
_chem_comp.type
_chem_comp.name
_chem_comp.formula
B71 non-polymer 3-(DECYLOXY)-1-(2,2-DIPHOSPHONOETHYL)PYRIDINIUM 'C17 H32 N O7 P2 1'
#
# COMPACT_ATOMS: atom_id res chain seq x y z
N ASN A 4 -0.83 2.61 -40.94
CA ASN A 4 0.66 2.51 -40.92
C ASN A 4 1.27 3.53 -39.99
N LYS A 5 0.60 4.68 -39.84
CA LYS A 5 1.11 5.72 -38.94
C LYS A 5 0.76 5.31 -37.51
N MET A 6 -0.38 4.66 -37.35
CA MET A 6 -0.84 4.24 -36.04
C MET A 6 0.03 3.10 -35.52
N GLU A 7 0.30 2.15 -36.39
CA GLU A 7 1.12 1.00 -36.06
C GLU A 7 2.56 1.46 -35.75
N ALA A 8 3.00 2.52 -36.40
CA ALA A 8 4.33 3.09 -36.22
C ALA A 8 4.43 3.72 -34.83
N LYS A 9 3.38 4.44 -34.47
CA LYS A 9 3.28 5.10 -33.21
C LYS A 9 3.21 4.02 -32.12
N ILE A 10 2.39 2.98 -32.32
CA ILE A 10 2.27 1.91 -31.34
C ILE A 10 3.62 1.21 -31.24
N ASP A 11 4.22 0.92 -32.38
CA ASP A 11 5.50 0.25 -32.36
C ASP A 11 6.52 1.03 -31.55
N GLU A 12 6.55 2.34 -31.69
CA GLU A 12 7.52 3.11 -30.91
C GLU A 12 7.22 3.06 -29.39
N LEU A 13 5.94 3.13 -29.07
CA LEU A 13 5.47 3.09 -27.70
C LEU A 13 5.91 1.80 -26.98
N ILE A 14 5.65 0.67 -27.63
CA ILE A 14 5.95 -0.59 -26.98
C ILE A 14 7.43 -0.98 -26.95
N ASN A 15 8.28 -0.30 -27.73
CA ASN A 15 9.70 -0.62 -27.76
C ASN A 15 10.50 0.33 -26.92
N ASN A 16 9.81 1.15 -26.12
CA ASN A 16 10.48 2.09 -25.24
C ASN A 16 9.97 1.96 -23.79
N ASP A 17 10.73 2.51 -22.86
CA ASP A 17 10.29 2.48 -21.47
C ASP A 17 9.06 3.36 -21.37
N PRO A 18 8.24 3.15 -20.33
CA PRO A 18 7.05 3.97 -20.17
C PRO A 18 7.43 5.44 -20.00
N VAL A 19 6.64 6.30 -20.63
CA VAL A 19 6.86 7.73 -20.54
C VAL A 19 6.35 8.24 -19.21
N TRP A 20 7.18 9.00 -18.51
CA TRP A 20 6.80 9.55 -17.20
C TRP A 20 7.48 10.92 -17.04
N SER A 21 6.69 11.97 -16.90
CA SER A 21 7.27 13.30 -16.79
C SER A 21 7.43 13.80 -15.38
N SER A 22 8.25 14.85 -15.20
CA SER A 22 8.41 15.44 -13.88
C SER A 22 7.07 16.11 -13.47
N GLN A 23 6.26 16.55 -14.45
CA GLN A 23 4.94 17.12 -14.13
C GLN A 23 4.05 15.99 -13.53
N ASN A 24 4.08 14.82 -14.16
CA ASN A 24 3.32 13.65 -13.70
C ASN A 24 3.72 13.37 -12.25
N GLU A 25 5.03 13.35 -12.03
CA GLU A 25 5.60 13.09 -10.70
C GLU A 25 5.09 14.09 -9.63
N SER A 26 5.12 15.38 -9.94
CA SER A 26 4.61 16.35 -8.98
C SER A 26 3.11 16.20 -8.73
N LEU A 27 2.32 15.92 -9.77
CA LEU A 27 0.87 15.79 -9.63
C LEU A 27 0.50 14.67 -8.67
N ILE A 28 1.16 13.53 -8.77
CA ILE A 28 0.82 12.46 -7.87
C ILE A 28 1.56 12.54 -6.53
N SER A 29 2.40 13.56 -6.29
CA SER A 29 3.11 13.60 -5.02
C SER A 29 2.44 14.49 -4.02
N LYS A 30 1.28 15.04 -4.40
CA LYS A 30 0.59 15.96 -3.53
C LYS A 30 0.34 15.50 -2.11
N PRO A 31 -0.19 14.25 -1.93
CA PRO A 31 -0.42 13.82 -0.54
C PRO A 31 0.88 13.77 0.24
N TYR A 32 1.96 13.42 -0.43
CA TYR A 32 3.24 13.31 0.28
C TYR A 32 3.84 14.68 0.60
N ASN A 33 3.86 15.58 -0.37
CA ASN A 33 4.38 16.93 -0.09
C ASN A 33 3.60 17.57 1.07
N HIS A 34 2.31 17.22 1.20
CA HIS A 34 1.53 17.80 2.27
C HIS A 34 1.95 17.33 3.68
N ILE A 35 2.25 16.04 3.84
CA ILE A 35 2.59 15.61 5.18
C ILE A 35 4.00 16.06 5.53
N LEU A 36 4.78 16.45 4.53
CA LEU A 36 6.14 16.93 4.78
C LEU A 36 6.15 18.22 5.59
N LEU A 37 5.10 19.01 5.48
CA LEU A 37 5.02 20.29 6.18
C LEU A 37 4.95 20.08 7.69
N LYS A 38 4.59 18.87 8.08
CA LYS A 38 4.47 18.54 9.50
C LYS A 38 5.85 18.46 10.18
N ASN A 42 13.55 16.49 12.30
CA ASN A 42 14.80 16.76 13.06
C ASN A 42 14.95 15.88 14.33
N PHE A 43 13.86 15.48 14.98
CA PHE A 43 14.05 14.63 16.17
C PHE A 43 14.41 13.19 15.79
N ARG A 44 13.91 12.72 14.64
CA ARG A 44 14.25 11.39 14.19
C ARG A 44 15.70 11.48 13.72
N LEU A 45 16.07 12.61 13.14
CA LEU A 45 17.47 12.75 12.70
C LEU A 45 18.35 12.65 13.93
N ASN A 46 18.00 13.39 14.97
CA ASN A 46 18.78 13.39 16.21
C ASN A 46 19.02 11.98 16.75
N LEU A 47 18.00 11.14 16.77
CA LEU A 47 18.15 9.78 17.28
C LEU A 47 19.12 8.96 16.39
N ILE A 48 19.02 9.11 15.07
CA ILE A 48 19.91 8.42 14.17
C ILE A 48 21.37 8.89 14.41
N VAL A 49 21.54 10.21 14.52
CA VAL A 49 22.88 10.76 14.73
C VAL A 49 23.51 10.24 16.02
N GLN A 50 22.74 10.17 17.10
CA GLN A 50 23.26 9.66 18.37
C GLN A 50 23.69 8.21 18.25
N ILE A 51 22.81 7.39 17.67
CA ILE A 51 23.12 5.99 17.44
C ILE A 51 24.36 5.91 16.55
N ASN A 52 24.52 6.84 15.61
CA ASN A 52 25.69 6.72 14.76
C ASN A 52 27.02 6.88 15.55
N ARG A 53 26.99 7.58 16.67
CA ARG A 53 28.23 7.72 17.44
C ARG A 53 28.73 6.31 17.76
N VAL A 54 27.82 5.34 17.81
CA VAL A 54 28.20 3.97 18.10
C VAL A 54 28.52 3.26 16.78
N MET A 55 27.68 3.52 15.78
CA MET A 55 27.80 2.87 14.49
C MET A 55 28.87 3.41 13.51
N ASN A 56 29.13 4.71 13.54
CA ASN A 56 30.14 5.34 12.68
C ASN A 56 29.99 5.20 11.18
N LEU A 57 28.77 5.37 10.67
CA LEU A 57 28.61 5.30 9.24
C LEU A 57 29.12 6.65 8.74
N PRO A 58 29.69 6.71 7.54
CA PRO A 58 30.13 8.03 7.09
C PRO A 58 28.86 8.86 6.81
N LYS A 59 28.98 10.19 6.90
CA LYS A 59 27.86 11.10 6.71
C LYS A 59 27.00 10.90 5.46
N ASP A 60 27.61 10.52 4.35
CA ASP A 60 26.84 10.33 3.11
C ASP A 60 25.94 9.10 3.17
N GLN A 61 26.45 8.01 3.73
CA GLN A 61 25.65 6.81 3.87
C GLN A 61 24.53 7.05 4.91
N LEU A 62 24.83 7.77 5.98
CA LEU A 62 23.83 8.05 7.02
C LEU A 62 22.66 8.89 6.46
N ALA A 63 22.97 9.79 5.54
CA ALA A 63 21.95 10.63 4.95
C ALA A 63 20.98 9.77 4.17
N ILE A 64 21.48 8.71 3.51
CA ILE A 64 20.61 7.84 2.77
C ILE A 64 19.75 7.02 3.75
N VAL A 65 20.34 6.56 4.84
CA VAL A 65 19.55 5.82 5.82
C VAL A 65 18.41 6.74 6.29
N SER A 66 18.76 7.98 6.58
CA SER A 66 17.76 8.90 7.07
C SER A 66 16.67 9.16 6.05
N GLN A 67 17.04 9.19 4.76
CA GLN A 67 16.04 9.44 3.72
C GLN A 67 15.08 8.23 3.65
N ILE A 68 15.63 7.02 3.84
CA ILE A 68 14.81 5.85 3.78
C ILE A 68 13.82 5.90 4.92
N VAL A 69 14.31 6.18 6.12
CA VAL A 69 13.45 6.28 7.26
C VAL A 69 12.34 7.32 7.08
N GLU A 70 12.67 8.49 6.52
CA GLU A 70 11.63 9.53 6.38
C GLU A 70 10.50 9.10 5.45
N LEU A 71 10.84 8.44 4.34
CA LEU A 71 9.84 8.01 3.39
C LEU A 71 8.94 6.94 4.03
N LEU A 72 9.56 5.98 4.73
CA LEU A 72 8.77 4.93 5.34
C LEU A 72 7.93 5.48 6.47
N HIS A 73 8.48 6.39 7.28
CA HIS A 73 7.75 6.96 8.36
C HIS A 73 6.59 7.79 7.84
N ASN A 74 6.84 8.68 6.88
CA ASN A 74 5.74 9.52 6.39
C ASN A 74 4.70 8.72 5.63
N SER A 75 5.12 7.72 4.89
CA SER A 75 4.13 6.90 4.17
C SER A 75 3.23 6.13 5.16
N SER A 76 3.85 5.63 6.23
CA SER A 76 3.12 4.88 7.26
C SER A 76 2.10 5.77 7.89
N LEU A 77 2.46 7.05 8.10
CA LEU A 77 1.54 7.99 8.70
C LEU A 77 0.35 8.29 7.78
N LEU A 78 0.62 8.53 6.49
CA LEU A 78 -0.51 8.76 5.55
C LEU A 78 -1.51 7.55 5.59
N ILE A 79 -0.97 6.34 5.55
CA ILE A 79 -1.85 5.14 5.53
C ILE A 79 -2.59 5.01 6.85
N ASP A 80 -1.84 5.18 7.93
CA ASP A 80 -2.35 5.12 9.27
C ASP A 80 -3.55 6.04 9.49
N ASP A 81 -3.43 7.29 9.03
CA ASP A 81 -4.54 8.23 9.21
C ASP A 81 -5.78 7.80 8.40
N ILE A 82 -5.56 7.13 7.28
CA ILE A 82 -6.70 6.66 6.52
C ILE A 82 -7.31 5.47 7.36
N GLU A 83 -6.47 4.59 7.82
CA GLU A 83 -6.92 3.39 8.57
C GLU A 83 -7.64 3.70 9.86
N ASP A 84 -7.31 4.86 10.42
CA ASP A 84 -7.89 5.37 11.68
C ASP A 84 -8.98 6.45 11.49
N ASN A 85 -9.27 6.82 10.25
CA ASN A 85 -10.24 7.88 9.97
C ASN A 85 -9.78 9.18 10.74
N ALA A 86 -8.47 9.42 10.85
CA ALA A 86 -7.97 10.61 11.58
C ALA A 86 -8.16 11.91 10.79
N PRO A 87 -8.80 12.90 11.40
CA PRO A 87 -9.04 14.19 10.74
C PRO A 87 -7.86 15.17 10.80
N LEU A 88 -6.96 14.98 11.75
CA LEU A 88 -5.84 15.90 11.93
C LEU A 88 -4.57 15.15 12.21
N ARG A 89 -3.45 15.75 11.82
CA ARG A 89 -2.13 15.16 12.04
C ARG A 89 -1.25 16.42 12.33
N ARG A 90 -0.62 16.45 13.51
CA ARG A 90 0.23 17.56 13.94
C ARG A 90 -0.50 18.88 13.72
N GLY A 91 -1.69 18.98 14.27
CA GLY A 91 -2.44 20.21 14.09
C GLY A 91 -3.04 20.50 12.74
N GLN A 92 -2.70 19.76 11.68
CA GLN A 92 -3.30 20.07 10.39
C GLN A 92 -4.12 18.94 9.74
N THR A 93 -4.99 19.32 8.79
CA THR A 93 -5.84 18.39 8.04
C THR A 93 -5.05 17.26 7.41
N THR A 94 -5.53 16.04 7.59
CA THR A 94 -4.82 14.88 7.04
C THR A 94 -4.95 14.90 5.53
N SER A 95 -3.95 14.36 4.85
CA SER A 95 -3.98 14.36 3.39
C SER A 95 -5.17 13.69 2.76
N HIS A 96 -5.67 12.61 3.35
CA HIS A 96 -6.76 11.92 2.65
C HIS A 96 -8.04 12.72 2.59
N LEU A 97 -8.21 13.69 3.49
CA LEU A 97 -9.41 14.52 3.46
C LEU A 97 -9.24 15.60 2.39
N ILE A 98 -8.00 15.93 2.07
CA ILE A 98 -7.77 16.96 1.06
C ILE A 98 -7.73 16.38 -0.33
N PHE A 99 -6.92 15.35 -0.51
CA PHE A 99 -6.72 14.74 -1.82
C PHE A 99 -7.55 13.52 -2.10
N GLY A 100 -8.17 12.99 -1.07
CA GLY A 100 -9.01 11.80 -1.23
C GLY A 100 -8.25 10.58 -0.79
N VAL A 101 -8.98 9.55 -0.36
CA VAL A 101 -8.39 8.30 0.04
C VAL A 101 -7.65 7.61 -1.13
N PRO A 102 -8.23 7.59 -2.33
CA PRO A 102 -7.51 6.91 -3.40
C PRO A 102 -6.11 7.41 -3.70
N SER A 103 -5.96 8.71 -3.90
CA SER A 103 -4.63 9.27 -4.20
C SER A 103 -3.67 9.13 -3.03
N THR A 104 -4.18 9.22 -1.81
CA THR A 104 -3.27 9.13 -0.67
C THR A 104 -2.74 7.68 -0.50
N ILE A 105 -3.62 6.68 -0.62
CA ILE A 105 -3.12 5.30 -0.54
C ILE A 105 -2.09 5.07 -1.64
N ASN A 106 -2.45 5.39 -2.88
CA ASN A 106 -1.51 5.15 -3.96
C ASN A 106 -0.15 5.85 -3.72
N THR A 107 -0.21 7.11 -3.31
CA THR A 107 1.02 7.84 -3.09
C THR A 107 1.84 7.26 -1.96
N ALA A 108 1.19 6.93 -0.83
CA ALA A 108 1.93 6.34 0.28
C ALA A 108 2.61 5.04 -0.17
N ASN A 109 1.88 4.20 -0.92
CA ASN A 109 2.46 2.93 -1.34
C ASN A 109 3.60 3.20 -2.34
N TYR A 110 3.42 4.16 -3.24
CA TYR A 110 4.49 4.53 -4.20
C TYR A 110 5.76 4.84 -3.42
N MET A 111 5.63 5.58 -2.32
CA MET A 111 6.81 5.99 -1.54
C MET A 111 7.48 4.83 -0.80
N TYR A 112 6.74 3.75 -0.51
CA TYR A 112 7.41 2.59 0.09
C TYR A 112 8.43 2.09 -0.93
N PHE A 113 8.01 2.05 -2.21
CA PHE A 113 8.89 1.54 -3.27
C PHE A 113 10.04 2.48 -3.60
N ARG A 114 9.83 3.78 -3.48
CA ARG A 114 10.93 4.71 -3.66
C ARG A 114 11.92 4.47 -2.51
N ALA A 115 11.44 4.24 -1.29
CA ALA A 115 12.37 3.96 -0.18
C ALA A 115 13.15 2.68 -0.49
N MET A 116 12.47 1.67 -1.02
CA MET A 116 13.15 0.42 -1.34
C MET A 116 14.28 0.71 -2.34
N GLN A 117 13.97 1.52 -3.34
CA GLN A 117 14.90 1.85 -4.39
C GLN A 117 16.21 2.43 -3.84
N LEU A 118 16.10 3.27 -2.82
CA LEU A 118 17.23 3.93 -2.16
C LEU A 118 18.25 2.98 -1.51
N VAL A 119 17.78 1.81 -1.10
CA VAL A 119 18.66 0.85 -0.47
C VAL A 119 19.86 0.57 -1.37
N SER A 120 19.65 0.53 -2.69
CA SER A 120 20.77 0.23 -3.54
C SER A 120 21.81 1.33 -3.58
N GLN A 121 21.49 2.50 -3.03
CA GLN A 121 22.48 3.56 -2.97
C GLN A 121 23.36 3.41 -1.74
N LEU A 122 23.07 2.44 -0.89
CA LEU A 122 23.84 2.32 0.33
C LEU A 122 25.17 1.63 0.13
N THR A 123 25.25 0.79 -0.90
CA THR A 123 26.47 0.03 -1.15
C THR A 123 26.53 -0.60 -2.53
N THR A 124 27.76 -0.86 -3.01
CA THR A 124 27.93 -1.51 -4.32
C THR A 124 28.24 -3.00 -4.13
N LYS A 125 28.42 -3.42 -2.88
CA LYS A 125 28.73 -4.81 -2.53
C LYS A 125 27.46 -5.68 -2.47
N GLU A 126 27.37 -6.64 -3.42
CA GLU A 126 26.19 -7.49 -3.51
C GLU A 126 25.75 -8.25 -2.27
N PRO A 127 26.68 -8.90 -1.56
CA PRO A 127 26.32 -9.64 -0.34
C PRO A 127 25.68 -8.72 0.71
N LEU A 128 26.30 -7.55 0.87
CA LEU A 128 25.80 -6.59 1.82
C LEU A 128 24.43 -6.09 1.32
N TYR A 129 24.34 -5.83 0.02
CA TYR A 129 23.10 -5.32 -0.53
C TYR A 129 22.00 -6.29 -0.20
N HIS A 130 22.24 -7.57 -0.43
CA HIS A 130 21.27 -8.63 -0.14
C HIS A 130 20.78 -8.57 1.34
N ASN A 131 21.71 -8.44 2.25
CA ASN A 131 21.32 -8.36 3.63
C ASN A 131 20.48 -7.12 3.93
N LEU A 132 20.80 -5.99 3.30
CA LEU A 132 20.04 -4.77 3.56
C LEU A 132 18.62 -4.89 3.07
N ILE A 133 18.42 -5.44 1.88
CA ILE A 133 17.06 -5.61 1.38
C ILE A 133 16.28 -6.62 2.24
N THR A 134 16.96 -7.63 2.77
CA THR A 134 16.30 -8.65 3.59
C THR A 134 15.82 -7.97 4.86
N ILE A 135 16.63 -7.07 5.39
CA ILE A 135 16.31 -6.33 6.60
C ILE A 135 15.06 -5.45 6.32
N PHE A 136 15.13 -4.71 5.22
CA PHE A 136 14.04 -3.86 4.81
C PHE A 136 12.77 -4.75 4.64
N ASN A 137 12.89 -5.83 3.90
CA ASN A 137 11.73 -6.74 3.69
C ASN A 137 11.10 -7.29 5.03
N GLU A 138 11.95 -7.81 5.93
CA GLU A 138 11.49 -8.39 7.18
C GLU A 138 10.79 -7.42 8.10
N GLU A 139 11.33 -6.22 8.21
CA GLU A 139 10.70 -5.29 9.12
C GLU A 139 9.44 -4.67 8.54
N LEU A 140 9.32 -4.61 7.21
CA LEU A 140 8.11 -4.03 6.66
C LEU A 140 7.02 -5.11 6.82
N ILE A 141 7.42 -6.39 6.74
CA ILE A 141 6.50 -7.50 6.96
C ILE A 141 6.04 -7.35 8.41
N ASN A 142 6.98 -7.13 9.34
CA ASN A 142 6.66 -6.97 10.75
C ASN A 142 5.72 -5.82 11.07
N LEU A 143 6.00 -4.65 10.46
CA LEU A 143 5.11 -3.50 10.64
C LEU A 143 3.67 -3.82 10.21
N HIS A 144 3.49 -4.46 9.06
CA HIS A 144 2.13 -4.77 8.57
C HIS A 144 1.44 -5.81 9.45
N ARG A 145 2.21 -6.75 9.95
CA ARG A 145 1.62 -7.74 10.88
C ARG A 145 1.08 -7.06 12.13
N GLY A 146 1.91 -6.24 12.74
CA GLY A 146 1.45 -5.57 13.96
C GLY A 146 0.27 -4.61 13.67
N GLN A 147 0.42 -3.79 12.64
CA GLN A 147 -0.67 -2.85 12.27
C GLN A 147 -1.94 -3.68 11.94
N GLY A 148 -1.82 -4.83 11.29
CA GLY A 148 -3.01 -5.62 10.98
C GLY A 148 -3.76 -6.10 12.24
N LEU A 149 -3.01 -6.53 13.25
CA LEU A 149 -3.58 -6.98 14.53
C LEU A 149 -4.26 -5.83 15.25
N ASP A 150 -3.58 -4.68 15.32
CA ASP A 150 -4.15 -3.51 15.99
C ASP A 150 -5.48 -3.13 15.33
N ILE A 151 -5.49 -3.08 14.02
CA ILE A 151 -6.68 -2.72 13.26
C ILE A 151 -7.77 -3.81 13.48
N TYR A 152 -7.36 -5.06 13.38
CA TYR A 152 -8.38 -6.11 13.54
C TYR A 152 -9.07 -6.05 14.89
N TRP A 153 -8.29 -5.99 15.97
CA TRP A 153 -8.85 -5.91 17.33
C TRP A 153 -9.83 -4.76 17.46
N ARG A 154 -9.46 -3.63 16.89
CA ARG A 154 -10.28 -2.43 16.98
C ARG A 154 -11.55 -2.52 16.16
N ASP A 155 -11.42 -2.90 14.90
CA ASP A 155 -12.58 -2.94 14.01
C ASP A 155 -13.57 -4.15 14.25
N PHE A 156 -13.12 -5.15 14.98
CA PHE A 156 -13.95 -6.34 15.27
C PHE A 156 -14.30 -6.51 16.74
N LEU A 157 -13.94 -5.50 17.53
CA LEU A 157 -14.22 -5.51 18.96
C LEU A 157 -15.75 -5.78 19.11
N PRO A 158 -16.18 -6.58 20.10
CA PRO A 158 -15.41 -7.28 21.11
C PRO A 158 -14.98 -8.73 20.75
N GLU A 159 -14.84 -9.07 19.45
CA GLU A 159 -14.41 -10.43 19.11
C GLU A 159 -13.14 -10.86 19.86
N ILE A 160 -12.19 -9.93 19.95
CA ILE A 160 -10.97 -10.25 20.66
C ILE A 160 -10.63 -9.15 21.68
N ILE A 161 -10.42 -9.53 22.93
CA ILE A 161 -10.02 -8.63 23.97
C ILE A 161 -8.56 -9.00 24.21
N PRO A 162 -7.63 -8.22 23.65
CA PRO A 162 -6.22 -8.59 23.88
C PRO A 162 -5.78 -8.45 25.33
N THR A 163 -4.87 -9.31 25.76
CA THR A 163 -4.33 -9.19 27.09
C THR A 163 -3.08 -8.25 26.93
N GLN A 164 -2.45 -7.93 28.05
CA GLN A 164 -1.27 -7.10 28.06
C GLN A 164 -0.17 -7.78 27.24
N GLU A 165 -0.04 -9.10 27.39
CA GLU A 165 1.00 -9.81 26.63
C GLU A 165 0.75 -9.66 25.13
N MET A 166 -0.49 -9.86 24.68
CA MET A 166 -0.82 -9.75 23.29
C MET A 166 -0.56 -8.33 22.76
N TYR A 167 -0.91 -7.33 23.56
CA TYR A 167 -0.68 -5.93 23.19
C TYR A 167 0.84 -5.74 22.98
N LEU A 168 1.66 -6.19 23.93
CA LEU A 168 3.12 -6.00 23.83
C LEU A 168 3.70 -6.66 22.58
N ASN A 169 3.20 -7.85 22.23
CA ASN A 169 3.68 -8.51 21.04
C ASN A 169 3.25 -7.75 19.79
N MET A 170 2.04 -7.19 19.77
CA MET A 170 1.59 -6.45 18.61
C MET A 170 2.54 -5.20 18.47
N VAL A 171 2.88 -4.56 19.60
CA VAL A 171 3.77 -3.37 19.54
C VAL A 171 5.18 -3.70 19.04
N MET A 172 5.68 -4.87 19.42
CA MET A 172 7.00 -5.34 19.00
C MET A 172 7.03 -5.41 17.48
N ASN A 173 5.90 -5.80 16.88
CA ASN A 173 5.83 -5.88 15.44
C ASN A 173 5.56 -4.50 14.86
N LYS A 174 4.47 -3.89 15.32
CA LYS A 174 4.01 -2.60 14.83
C LYS A 174 4.94 -1.39 15.00
N THR A 175 5.26 -1.07 16.23
CA THR A 175 6.12 0.10 16.51
C THR A 175 7.59 -0.27 16.40
N GLY A 176 7.94 -1.44 16.92
CA GLY A 176 9.30 -1.92 16.84
C GLY A 176 9.81 -2.02 15.38
N GLY A 177 8.92 -2.30 14.44
CA GLY A 177 9.34 -2.43 13.04
C GLY A 177 10.26 -1.34 12.49
N LEU A 178 9.85 -0.08 12.57
CA LEU A 178 10.68 0.98 12.02
C LEU A 178 11.94 1.30 12.83
N PHE A 179 11.86 1.13 14.16
CA PHE A 179 13.00 1.35 15.05
C PHE A 179 14.06 0.30 14.71
N ARG A 180 13.63 -0.96 14.62
CA ARG A 180 14.60 -2.03 14.32
C ARG A 180 15.07 -1.92 12.91
N LEU A 181 14.21 -1.51 11.97
CA LEU A 181 14.66 -1.42 10.59
C LEU A 181 15.84 -0.45 10.51
N THR A 182 15.69 0.73 11.10
CA THR A 182 16.71 1.75 11.06
C THR A 182 17.97 1.23 11.73
N LEU A 183 17.82 0.70 12.95
CA LEU A 183 18.96 0.19 13.70
C LEU A 183 19.64 -0.98 13.01
N ARG A 184 18.86 -1.94 12.49
CA ARG A 184 19.48 -3.06 11.80
C ARG A 184 20.26 -2.64 10.53
N LEU A 185 19.77 -1.67 9.75
CA LEU A 185 20.52 -1.25 8.55
C LEU A 185 21.85 -0.65 9.03
N MET A 186 21.80 0.20 10.06
CA MET A 186 23.01 0.78 10.57
C MET A 186 24.03 -0.26 11.07
N GLU A 187 23.58 -1.23 11.86
CA GLU A 187 24.49 -2.25 12.35
C GLU A 187 25.08 -2.99 11.19
N ALA A 188 24.27 -3.26 10.17
CA ALA A 188 24.80 -3.97 9.01
C ALA A 188 25.83 -3.13 8.22
N LEU A 189 25.70 -1.82 8.24
CA LEU A 189 26.59 -0.96 7.46
C LEU A 189 27.83 -0.54 8.21
N SER A 190 27.76 -0.61 9.54
CA SER A 190 28.81 -0.17 10.42
C SER A 190 30.15 -0.78 10.12
N PRO A 191 31.19 0.06 10.15
CA PRO A 191 32.55 -0.41 9.89
C PRO A 191 33.19 -0.87 11.19
N SER A 192 32.68 -0.38 12.33
CA SER A 192 33.22 -0.73 13.64
C SER A 192 32.96 -2.19 14.05
N GLY A 196 30.70 -3.53 20.52
CA GLY A 196 29.82 -4.03 21.62
C GLY A 196 28.63 -4.84 21.13
N HIS A 197 27.81 -5.30 22.09
CA HIS A 197 26.61 -6.11 21.81
C HIS A 197 25.62 -5.40 20.85
N SER A 198 24.73 -6.15 20.20
CA SER A 198 23.73 -5.55 19.29
C SER A 198 22.85 -4.59 20.10
N LEU A 199 22.41 -3.48 19.48
CA LEU A 199 21.53 -2.55 20.17
C LEU A 199 20.04 -2.85 19.91
N VAL A 200 19.74 -3.94 19.22
CA VAL A 200 18.35 -4.24 18.92
C VAL A 200 17.47 -4.31 20.18
N PRO A 201 17.94 -4.98 21.25
CA PRO A 201 17.11 -5.06 22.47
C PRO A 201 16.71 -3.67 22.99
N PHE A 202 17.69 -2.79 23.06
CA PHE A 202 17.50 -1.42 23.48
C PHE A 202 16.51 -0.66 22.55
N ILE A 203 16.65 -0.82 21.24
CA ILE A 203 15.75 -0.10 20.34
C ILE A 203 14.34 -0.69 20.44
N ASN A 204 14.20 -1.97 20.84
CA ASN A 204 12.88 -2.59 20.98
C ASN A 204 12.20 -1.96 22.19
N LEU A 205 13.00 -1.74 23.22
CA LEU A 205 12.51 -1.15 24.46
C LEU A 205 12.12 0.29 24.20
N LEU A 206 12.94 1.02 23.45
CA LEU A 206 12.58 2.41 23.15
C LEU A 206 11.24 2.46 22.38
N GLY A 207 11.06 1.57 21.40
CA GLY A 207 9.82 1.55 20.63
C GLY A 207 8.63 1.24 21.54
N ILE A 208 8.79 0.35 22.51
CA ILE A 208 7.68 0.01 23.43
C ILE A 208 7.39 1.21 24.34
N ILE A 209 8.44 1.83 24.87
CA ILE A 209 8.22 3.01 25.72
C ILE A 209 7.47 4.05 24.86
N TYR A 210 7.99 4.26 23.65
CA TYR A 210 7.41 5.20 22.71
C TYR A 210 5.87 4.95 22.51
N GLN A 211 5.50 3.71 22.25
CA GLN A 211 4.08 3.46 22.03
C GLN A 211 3.20 3.59 23.26
N ILE A 212 3.64 3.06 24.39
CA ILE A 212 2.78 3.10 25.57
C ILE A 212 2.65 4.57 26.04
N ARG A 213 3.75 5.35 25.91
CA ARG A 213 3.72 6.75 26.32
C ARG A 213 2.79 7.52 25.40
N ASP A 214 2.84 7.18 24.11
CA ASP A 214 1.96 7.83 23.16
C ASP A 214 0.49 7.52 23.58
N ASP A 215 0.17 6.26 23.82
CA ASP A 215 -1.21 5.88 24.25
C ASP A 215 -1.61 6.64 25.53
N TYR A 216 -0.67 6.68 26.47
CA TYR A 216 -0.91 7.36 27.73
C TYR A 216 -1.18 8.86 27.60
N LEU A 217 -0.30 9.55 26.89
CA LEU A 217 -0.50 10.98 26.78
C LEU A 217 -1.74 11.38 25.99
N ASN A 218 -2.19 10.49 25.10
CA ASN A 218 -3.36 10.81 24.32
C ASN A 218 -4.51 11.02 25.28
N LEU A 219 -4.56 10.29 26.40
CA LEU A 219 -5.66 10.45 27.33
C LEU A 219 -5.36 11.50 28.39
N LYS A 220 -4.13 11.45 28.92
CA LYS A 220 -3.71 12.34 30.01
C LYS A 220 -3.77 13.80 29.60
N ASP A 221 -3.37 14.08 28.36
CA ASP A 221 -3.39 15.46 27.89
C ASP A 221 -4.83 15.99 27.88
N PHE A 222 -5.77 15.16 27.45
CA PHE A 222 -7.18 15.56 27.41
C PHE A 222 -7.74 15.73 28.82
N GLN A 223 -7.44 14.78 29.70
CA GLN A 223 -7.93 14.88 31.07
C GLN A 223 -7.51 16.21 31.73
N MET A 224 -6.28 16.65 31.45
CA MET A 224 -5.78 17.90 32.05
C MET A 224 -6.24 19.12 31.32
N GLY A 229 -4.86 17.90 23.64
CA GLY A 229 -5.26 17.06 22.47
C GLY A 229 -6.71 16.65 22.61
N PHE A 230 -7.29 15.98 21.62
CA PHE A 230 -8.69 15.58 21.74
C PHE A 230 -8.97 14.12 22.21
N ALA A 231 -7.98 13.41 22.74
CA ALA A 231 -8.17 12.00 23.16
C ALA A 231 -8.77 11.30 21.96
N GLU A 232 -8.16 11.50 20.80
CA GLU A 232 -8.68 10.92 19.60
C GLU A 232 -8.59 9.39 19.57
N ASP A 233 -7.73 8.79 20.41
CA ASP A 233 -7.64 7.33 20.42
C ASP A 233 -9.00 6.71 20.83
N ILE A 234 -9.77 7.43 21.65
CA ILE A 234 -11.11 6.92 22.09
C ILE A 234 -12.07 6.94 20.91
N THR A 235 -12.09 8.05 20.19
CA THR A 235 -12.94 8.20 19.00
C THR A 235 -12.64 7.10 17.99
N GLU A 236 -11.36 6.74 17.94
CA GLU A 236 -10.95 5.74 16.99
C GLU A 236 -11.25 4.31 17.51
N GLY A 237 -11.52 4.16 18.81
CA GLY A 237 -11.83 2.83 19.36
C GLY A 237 -10.61 1.93 19.61
N LYS A 238 -9.44 2.56 19.62
CA LYS A 238 -8.18 1.84 19.79
C LYS A 238 -8.02 0.98 21.06
N LEU A 239 -7.43 -0.21 20.92
CA LEU A 239 -7.16 -1.05 22.11
C LEU A 239 -5.78 -0.54 22.63
N SER A 240 -5.76 0.65 23.21
CA SER A 240 -4.55 1.26 23.74
C SER A 240 -4.06 0.53 25.03
N PHE A 241 -2.81 0.82 25.42
CA PHE A 241 -2.32 0.16 26.62
C PHE A 241 -3.24 0.39 27.84
N PRO A 242 -3.64 1.64 28.12
CA PRO A 242 -4.53 1.83 29.28
C PRO A 242 -5.90 1.13 29.12
N ILE A 243 -6.45 1.13 27.90
CA ILE A 243 -7.75 0.46 27.64
C ILE A 243 -7.62 -1.07 27.82
N VAL A 244 -6.50 -1.62 27.38
CA VAL A 244 -6.24 -3.07 27.53
C VAL A 244 -6.15 -3.39 29.03
N HIS A 245 -5.42 -2.60 29.81
CA HIS A 245 -5.39 -2.86 31.24
C HIS A 245 -6.84 -2.76 31.83
N ALA A 246 -7.58 -1.72 31.44
CA ALA A 246 -8.92 -1.51 31.99
C ALA A 246 -9.85 -2.69 31.68
N LEU A 247 -9.77 -3.15 30.45
CA LEU A 247 -10.68 -4.22 30.04
C LEU A 247 -10.35 -5.52 30.77
N ASN A 248 -9.07 -5.78 30.99
CA ASN A 248 -8.71 -7.03 31.66
C ASN A 248 -8.92 -6.91 33.15
N PHE A 249 -8.67 -5.72 33.70
CA PHE A 249 -8.91 -5.46 35.12
C PHE A 249 -10.41 -5.66 35.45
N THR A 250 -11.30 -5.08 34.65
CA THR A 250 -12.75 -5.19 34.89
C THR A 250 -13.21 -6.64 34.76
N LYS A 251 -12.72 -7.34 33.76
CA LYS A 251 -13.08 -8.75 33.56
C LYS A 251 -12.69 -9.52 34.83
N THR A 252 -11.43 -9.37 35.22
CA THR A 252 -10.86 -10.02 36.38
C THR A 252 -11.55 -9.77 37.70
N LYS A 253 -11.97 -8.52 37.96
CA LYS A 253 -12.60 -8.19 39.23
C LYS A 253 -14.10 -8.33 39.25
N GLY A 254 -14.65 -8.80 38.14
CA GLY A 254 -16.08 -8.99 38.05
C GLY A 254 -16.88 -7.71 37.84
N GLN A 255 -16.24 -6.61 37.43
CA GLN A 255 -16.95 -5.36 37.18
C GLN A 255 -17.58 -5.44 35.81
N THR A 256 -18.64 -6.23 35.75
CA THR A 256 -19.34 -6.44 34.50
C THR A 256 -19.84 -5.19 33.78
N GLU A 257 -20.55 -4.33 34.50
CA GLU A 257 -21.11 -3.14 33.88
C GLU A 257 -20.02 -2.17 33.34
N GLN A 258 -18.95 -2.04 34.09
CA GLN A 258 -17.86 -1.12 33.67
C GLN A 258 -17.17 -1.70 32.44
N HIS A 259 -16.97 -3.03 32.41
CA HIS A 259 -16.34 -3.69 31.30
C HIS A 259 -17.18 -3.49 30.03
N ASN A 260 -18.48 -3.66 30.18
CA ASN A 260 -19.37 -3.49 29.06
C ASN A 260 -19.49 -2.00 28.61
N GLU A 261 -19.38 -1.09 29.54
CA GLU A 261 -19.49 0.33 29.21
C GLU A 261 -18.20 0.80 28.50
N ILE A 262 -17.06 0.28 28.89
CA ILE A 262 -15.82 0.64 28.19
C ILE A 262 -15.96 0.22 26.73
N LEU A 263 -16.44 -1.01 26.51
CA LEU A 263 -16.65 -1.53 25.17
C LEU A 263 -17.66 -0.67 24.42
N ARG A 264 -18.78 -0.34 25.08
CA ARG A 264 -19.79 0.46 24.40
C ARG A 264 -19.25 1.85 23.94
N ILE A 265 -18.46 2.49 24.77
CA ILE A 265 -17.99 3.83 24.42
C ILE A 265 -16.98 3.71 23.26
N LEU A 266 -16.07 2.72 23.33
CA LEU A 266 -15.14 2.48 22.22
C LEU A 266 -15.92 2.26 20.94
N LEU A 267 -16.95 1.43 21.00
CA LEU A 267 -17.75 1.14 19.80
C LEU A 267 -18.57 2.33 19.27
N LEU A 268 -18.84 3.34 20.06
CA LEU A 268 -19.57 4.52 19.53
C LEU A 268 -18.74 5.37 18.51
N ARG A 269 -17.41 5.24 18.56
CA ARG A 269 -16.52 6.09 17.72
C ARG A 269 -17.02 7.53 17.91
N THR A 270 -17.14 7.96 19.15
CA THR A 270 -17.68 9.27 19.43
C THR A 270 -16.68 10.41 19.53
N SER A 271 -17.13 11.62 19.20
CA SER A 271 -16.25 12.76 19.35
C SER A 271 -16.83 13.58 20.49
N ASP A 272 -17.89 13.09 21.16
CA ASP A 272 -18.47 13.87 22.29
C ASP A 272 -17.43 13.96 23.44
N LYS A 273 -17.07 15.17 23.86
CA LYS A 273 -15.99 15.31 24.87
C LYS A 273 -16.37 14.82 26.26
N ASP A 274 -17.63 14.94 26.59
CA ASP A 274 -18.04 14.48 27.87
C ASP A 274 -18.03 12.98 27.93
N ILE A 275 -18.38 12.34 26.83
CA ILE A 275 -18.37 10.86 26.82
C ILE A 275 -16.93 10.39 26.92
N LYS A 276 -16.06 11.04 26.15
CA LYS A 276 -14.63 10.67 26.23
C LYS A 276 -14.11 10.93 27.65
N LEU A 277 -14.53 12.01 28.29
CA LEU A 277 -14.05 12.29 29.66
C LEU A 277 -14.56 11.28 30.69
N LYS A 278 -15.78 10.82 30.49
CA LYS A 278 -16.33 9.82 31.39
C LYS A 278 -15.44 8.58 31.29
N LEU A 279 -15.15 8.11 30.07
CA LEU A 279 -14.30 6.93 29.88
C LEU A 279 -12.94 7.12 30.56
N ILE A 280 -12.28 8.27 30.34
CA ILE A 280 -10.99 8.53 30.96
C ILE A 280 -11.11 8.51 32.51
N GLN A 281 -12.21 9.05 33.07
CA GLN A 281 -12.31 9.07 34.53
C GLN A 281 -12.66 7.68 35.07
N ILE A 282 -13.25 6.82 34.23
CA ILE A 282 -13.47 5.43 34.65
C ILE A 282 -12.02 4.86 34.74
N LEU A 283 -11.19 5.18 33.77
CA LEU A 283 -9.82 4.66 33.83
C LEU A 283 -9.00 5.23 35.01
N GLU A 284 -9.31 6.45 35.42
CA GLU A 284 -8.61 7.12 36.52
C GLU A 284 -9.05 6.64 37.91
N PHE A 285 -10.35 6.54 38.15
CA PHE A 285 -10.86 6.17 39.46
C PHE A 285 -11.35 4.76 39.68
N ASP A 286 -11.89 4.14 38.64
CA ASP A 286 -12.46 2.83 38.76
C ASP A 286 -11.51 1.68 38.47
N THR A 287 -10.68 1.77 37.44
CA THR A 287 -9.76 0.68 37.16
C THR A 287 -8.33 1.11 37.50
N ASN A 288 -8.10 2.37 37.81
CA ASN A 288 -6.73 2.84 38.03
C ASN A 288 -5.73 2.52 36.92
N SER A 289 -6.24 2.51 35.68
CA SER A 289 -5.43 2.19 34.52
C SER A 289 -4.41 3.28 34.17
N LEU A 290 -4.72 4.53 34.47
CA LEU A 290 -3.79 5.61 34.14
C LEU A 290 -2.57 5.53 35.06
N ALA A 291 -2.80 5.27 36.35
CA ALA A 291 -1.72 5.11 37.34
C ALA A 291 -0.90 3.87 36.96
N TYR A 292 -1.58 2.79 36.61
CA TYR A 292 -0.91 1.56 36.24
C TYR A 292 0.05 1.80 35.07
N THR A 293 -0.44 2.57 34.09
CA THR A 293 0.32 2.83 32.90
C THR A 293 1.49 3.79 33.17
N LYS A 294 1.21 4.83 33.94
CA LYS A 294 2.26 5.79 34.26
C LYS A 294 3.40 5.04 34.96
N ASN A 295 3.04 4.18 35.92
CA ASN A 295 4.04 3.39 36.63
C ASN A 295 4.76 2.42 35.69
N PHE A 296 4.06 1.86 34.71
CA PHE A 296 4.66 0.90 33.76
C PHE A 296 5.72 1.61 32.92
N ILE A 297 5.39 2.79 32.41
CA ILE A 297 6.32 3.56 31.61
C ILE A 297 7.58 3.85 32.47
N ASN A 298 7.38 4.39 33.67
CA ASN A 298 8.50 4.69 34.56
C ASN A 298 9.40 3.45 34.75
N GLN A 299 8.80 2.29 35.02
CA GLN A 299 9.57 1.06 35.20
C GLN A 299 10.38 0.76 33.94
N LEU A 300 9.81 1.05 32.78
CA LEU A 300 10.52 0.79 31.53
C LEU A 300 11.66 1.79 31.37
N VAL A 301 11.40 3.05 31.69
CA VAL A 301 12.43 4.05 31.57
C VAL A 301 13.57 3.74 32.59
N ASN A 302 13.23 3.23 33.77
CA ASN A 302 14.25 2.90 34.78
C ASN A 302 15.14 1.75 34.30
N MET A 303 14.59 0.81 33.54
CA MET A 303 15.41 -0.28 33.03
C MET A 303 16.58 0.23 32.20
N ILE A 304 16.47 1.47 31.71
CA ILE A 304 17.57 2.04 30.95
C ILE A 304 18.40 2.98 31.80
N LYS A 305 17.78 4.04 32.29
CA LYS A 305 18.46 4.98 33.16
C LYS A 305 19.22 4.27 34.29
N ASN A 306 19.01 2.97 34.41
CA ASN A 306 19.69 2.14 35.41
C ASN A 306 20.54 1.07 34.68
N GLU A 329 22.46 12.52 26.49
CA GLU A 329 21.89 12.56 25.12
C GLU A 329 20.74 11.57 25.03
N LEU A 330 20.90 10.42 25.70
CA LEU A 330 19.88 9.37 25.74
C LEU A 330 18.65 9.85 26.49
N LEU A 331 18.86 10.54 27.60
CA LEU A 331 17.76 11.05 28.40
C LEU A 331 17.05 12.13 27.63
N TYR A 332 17.82 12.93 26.90
CA TYR A 332 17.22 13.98 26.09
C TYR A 332 16.23 13.30 25.17
N ILE A 333 16.69 12.29 24.45
CA ILE A 333 15.83 11.54 23.52
C ILE A 333 14.60 11.01 24.23
N ILE A 334 14.79 10.33 25.36
CA ILE A 334 13.67 9.78 26.08
C ILE A 334 12.63 10.79 26.55
N ASP A 335 13.04 12.05 26.77
CA ASP A 335 12.10 13.07 27.21
C ASP A 335 11.43 13.72 26.02
N HIS A 336 12.02 13.54 24.84
CA HIS A 336 11.44 14.09 23.62
C HIS A 336 11.01 12.93 22.76
N LEU A 337 10.75 11.79 23.39
CA LEU A 337 10.36 10.61 22.63
C LEU A 337 9.05 10.86 21.88
N SER A 338 8.15 11.62 22.49
CA SER A 338 6.87 11.91 21.88
C SER A 338 6.94 12.77 20.61
N GLU A 339 8.12 13.29 20.27
CA GLU A 339 8.27 14.10 19.05
C GLU A 339 8.90 13.33 17.87
N LEU A 340 9.08 12.02 18.03
CA LEU A 340 9.64 11.18 16.96
C LEU A 340 8.61 10.98 15.85
N ASN B 4 11.04 -6.67 39.49
CA ASN B 4 11.74 -7.95 39.19
C ASN B 4 11.02 -8.74 38.10
N LYS B 5 9.84 -9.28 38.40
CA LYS B 5 9.09 -10.09 37.44
C LYS B 5 8.69 -9.35 36.16
N MET B 6 8.26 -8.11 36.30
CA MET B 6 7.86 -7.32 35.17
C MET B 6 9.08 -7.07 34.29
N GLU B 7 10.22 -6.80 34.91
CA GLU B 7 11.44 -6.55 34.15
C GLU B 7 11.95 -7.82 33.46
N ALA B 8 11.75 -8.97 34.09
CA ALA B 8 12.22 -10.22 33.52
C ALA B 8 11.42 -10.48 32.24
N LYS B 9 10.10 -10.28 32.33
CA LYS B 9 9.26 -10.46 31.18
C LYS B 9 9.62 -9.48 30.04
N ILE B 10 9.87 -8.23 30.39
CA ILE B 10 10.22 -7.26 29.38
C ILE B 10 11.57 -7.67 28.77
N ASP B 11 12.51 -8.14 29.61
CA ASP B 11 13.83 -8.55 29.11
C ASP B 11 13.72 -9.67 28.12
N GLU B 12 12.85 -10.63 28.41
CA GLU B 12 12.65 -11.74 27.47
C GLU B 12 12.08 -11.21 26.14
N LEU B 13 11.08 -10.37 26.25
CA LEU B 13 10.41 -9.76 25.12
C LEU B 13 11.37 -9.04 24.17
N ILE B 14 12.13 -8.10 24.69
CA ILE B 14 13.00 -7.33 23.81
C ILE B 14 14.20 -8.10 23.25
N ASN B 15 14.49 -9.26 23.84
CA ASN B 15 15.62 -10.07 23.37
C ASN B 15 15.25 -11.13 22.39
N ASN B 16 13.98 -11.25 22.04
CA ASN B 16 13.55 -12.25 21.09
C ASN B 16 12.95 -11.51 19.89
N ASP B 17 12.76 -12.26 18.81
CA ASP B 17 12.11 -11.73 17.63
C ASP B 17 10.66 -11.48 18.03
N PRO B 18 9.97 -10.61 17.29
CA PRO B 18 8.56 -10.35 17.62
C PRO B 18 7.74 -11.61 17.49
N VAL B 19 6.86 -11.84 18.48
CA VAL B 19 6.01 -13.01 18.46
C VAL B 19 4.89 -12.83 17.43
N TRP B 20 4.74 -13.81 16.55
CA TRP B 20 3.69 -13.79 15.52
C TRP B 20 3.25 -15.22 15.41
N SER B 21 1.96 -15.49 15.58
CA SER B 21 1.45 -16.88 15.52
C SER B 21 0.72 -17.17 14.23
N SER B 22 0.51 -18.47 13.99
CA SER B 22 -0.19 -18.92 12.83
C SER B 22 -1.62 -18.39 12.84
N GLN B 23 -2.19 -18.29 14.04
CA GLN B 23 -3.53 -17.72 14.18
C GLN B 23 -3.52 -16.17 13.83
N ASN B 24 -2.47 -15.47 14.22
CA ASN B 24 -2.35 -14.04 13.86
C ASN B 24 -2.29 -13.97 12.31
N GLU B 25 -1.51 -14.85 11.68
CA GLU B 25 -1.37 -14.84 10.23
C GLU B 25 -2.73 -15.05 9.54
N SER B 26 -3.53 -15.97 10.10
CA SER B 26 -4.85 -16.19 9.55
C SER B 26 -5.71 -14.96 9.67
N LEU B 27 -5.67 -14.27 10.80
CA LEU B 27 -6.52 -13.09 10.91
C LEU B 27 -6.20 -12.06 9.84
N ILE B 28 -4.93 -11.76 9.68
CA ILE B 28 -4.47 -10.77 8.69
C ILE B 28 -4.72 -11.15 7.28
N SER B 29 -4.82 -12.46 7.04
CA SER B 29 -5.04 -12.95 5.69
C SER B 29 -6.48 -12.98 5.25
N LYS B 30 -7.42 -12.74 6.15
CA LYS B 30 -8.82 -12.83 5.75
C LYS B 30 -9.28 -12.05 4.52
N PRO B 31 -8.89 -10.75 4.41
CA PRO B 31 -9.34 -10.00 3.22
C PRO B 31 -8.72 -10.62 1.98
N TYR B 32 -7.54 -11.19 2.11
CA TYR B 32 -6.90 -11.77 0.94
C TYR B 32 -7.51 -13.12 0.49
N ASN B 33 -7.82 -13.97 1.47
CA ASN B 33 -8.37 -15.28 1.11
C ASN B 33 -9.72 -15.08 0.44
N HIS B 34 -10.43 -14.02 0.84
CA HIS B 34 -11.71 -13.73 0.24
C HIS B 34 -11.64 -13.48 -1.27
N ILE B 35 -10.61 -12.79 -1.76
CA ILE B 35 -10.56 -12.53 -3.19
C ILE B 35 -10.04 -13.75 -3.95
N LEU B 36 -9.39 -14.67 -3.24
CA LEU B 36 -8.91 -15.91 -3.88
C LEU B 36 -10.10 -16.74 -4.37
N LEU B 37 -11.21 -16.73 -3.63
CA LEU B 37 -12.40 -17.46 -4.05
C LEU B 37 -12.78 -17.09 -5.50
N ASN B 42 -5.20 -18.98 -13.20
CA ASN B 42 -5.80 -19.90 -14.24
C ASN B 42 -5.40 -19.45 -15.64
N PHE B 43 -6.04 -18.40 -16.15
CA PHE B 43 -5.67 -17.87 -17.47
C PHE B 43 -4.33 -17.18 -17.35
N ARG B 44 -4.00 -16.73 -16.15
CA ARG B 44 -2.74 -16.08 -15.92
C ARG B 44 -1.63 -17.14 -15.91
N LEU B 45 -1.89 -18.25 -15.24
CA LEU B 45 -0.92 -19.34 -15.21
C LEU B 45 -0.77 -19.84 -16.63
N ASN B 46 -1.88 -19.90 -17.36
CA ASN B 46 -1.83 -20.34 -18.75
C ASN B 46 -0.85 -19.51 -19.56
N LEU B 47 -0.95 -18.19 -19.45
CA LEU B 47 -0.04 -17.33 -20.19
C LEU B 47 1.39 -17.49 -19.69
N ILE B 48 1.55 -17.73 -18.40
CA ILE B 48 2.90 -17.89 -17.88
C ILE B 48 3.49 -19.19 -18.48
N VAL B 49 2.71 -20.26 -18.42
CA VAL B 49 3.16 -21.53 -18.98
C VAL B 49 3.52 -21.33 -20.46
N GLN B 50 2.57 -20.88 -21.26
CA GLN B 50 2.85 -20.67 -22.66
C GLN B 50 4.16 -19.94 -22.86
N ILE B 51 4.35 -18.81 -22.18
CA ILE B 51 5.60 -18.10 -22.37
C ILE B 51 6.78 -18.90 -21.87
N ASN B 52 6.55 -19.86 -20.98
CA ASN B 52 7.70 -20.62 -20.52
C ASN B 52 8.32 -21.54 -21.59
N ARG B 53 7.64 -21.74 -22.72
CA ARG B 53 8.17 -22.55 -23.80
C ARG B 53 9.37 -21.83 -24.41
N VAL B 54 9.37 -20.52 -24.31
CA VAL B 54 10.48 -19.75 -24.83
C VAL B 54 11.52 -19.59 -23.74
N MET B 55 11.06 -19.42 -22.50
CA MET B 55 11.98 -19.19 -21.39
C MET B 55 12.55 -20.46 -20.73
N ASN B 56 11.74 -21.51 -20.64
CA ASN B 56 12.16 -22.78 -20.05
C ASN B 56 12.75 -22.71 -18.66
N LEU B 57 12.05 -22.04 -17.73
CA LEU B 57 12.55 -21.99 -16.38
C LEU B 57 12.15 -23.35 -15.80
N PRO B 58 12.94 -23.89 -14.87
CA PRO B 58 12.58 -25.19 -14.29
C PRO B 58 11.23 -25.02 -13.59
N LYS B 59 10.56 -26.12 -13.32
CA LYS B 59 9.24 -26.04 -12.74
C LYS B 59 9.07 -25.44 -11.35
N ASP B 60 9.99 -25.70 -10.44
CA ASP B 60 9.80 -25.12 -9.12
C ASP B 60 10.05 -23.63 -9.22
N GLN B 61 10.97 -23.23 -10.07
CA GLN B 61 11.23 -21.82 -10.20
C GLN B 61 10.03 -21.10 -10.86
N LEU B 62 9.37 -21.76 -11.83
CA LEU B 62 8.23 -21.18 -12.52
C LEU B 62 7.07 -21.00 -11.55
N ALA B 63 6.94 -21.94 -10.61
CA ALA B 63 5.89 -21.91 -9.59
C ALA B 63 5.98 -20.67 -8.65
N ILE B 64 7.19 -20.29 -8.29
CA ILE B 64 7.38 -19.14 -7.43
C ILE B 64 7.00 -17.88 -8.23
N VAL B 65 7.42 -17.81 -9.49
CA VAL B 65 7.06 -16.66 -10.32
C VAL B 65 5.55 -16.59 -10.29
N SER B 66 4.86 -17.71 -10.51
CA SER B 66 3.40 -17.75 -10.51
C SER B 66 2.76 -17.28 -9.19
N GLN B 67 3.38 -17.64 -8.06
CA GLN B 67 2.88 -17.21 -6.75
C GLN B 67 3.07 -15.69 -6.57
N ILE B 68 4.20 -15.18 -7.09
CA ILE B 68 4.50 -13.76 -7.02
C ILE B 68 3.41 -13.03 -7.79
N VAL B 69 3.19 -13.49 -9.03
CA VAL B 69 2.19 -12.92 -9.88
C VAL B 69 0.83 -12.93 -9.19
N GLU B 70 0.44 -14.05 -8.58
CA GLU B 70 -0.87 -14.08 -7.94
C GLU B 70 -0.97 -13.10 -6.75
N LEU B 71 0.10 -12.98 -5.95
CA LEU B 71 0.08 -12.03 -4.83
C LEU B 71 -0.06 -10.59 -5.31
N LEU B 72 0.76 -10.18 -6.27
CA LEU B 72 0.71 -8.80 -6.73
C LEU B 72 -0.61 -8.49 -7.41
N HIS B 73 -1.13 -9.43 -8.19
CA HIS B 73 -2.38 -9.21 -8.89
C HIS B 73 -3.54 -9.15 -7.92
N ASN B 74 -3.65 -10.14 -7.04
CA ASN B 74 -4.73 -10.08 -6.07
C ASN B 74 -4.66 -8.84 -5.16
N SER B 75 -3.46 -8.51 -4.69
CA SER B 75 -3.30 -7.34 -3.83
C SER B 75 -3.70 -6.08 -4.63
N SER B 76 -3.33 -6.02 -5.91
CA SER B 76 -3.70 -4.83 -6.71
C SER B 76 -5.19 -4.67 -6.79
N LEU B 77 -5.88 -5.78 -7.01
CA LEU B 77 -7.32 -5.71 -7.11
C LEU B 77 -7.96 -5.25 -5.82
N LEU B 78 -7.54 -5.80 -4.66
CA LEU B 78 -8.11 -5.37 -3.35
C LEU B 78 -7.98 -3.84 -3.20
N ILE B 79 -6.80 -3.28 -3.53
CA ILE B 79 -6.58 -1.81 -3.38
C ILE B 79 -7.40 -1.03 -4.43
N ASP B 80 -7.34 -1.48 -5.68
CA ASP B 80 -8.06 -0.82 -6.77
C ASP B 80 -9.56 -0.73 -6.44
N ASP B 81 -10.11 -1.79 -5.84
CA ASP B 81 -11.51 -1.74 -5.50
C ASP B 81 -11.81 -0.70 -4.43
N ILE B 82 -10.86 -0.48 -3.51
CA ILE B 82 -11.03 0.57 -2.51
C ILE B 82 -10.90 1.94 -3.26
N GLU B 83 -9.89 2.05 -4.10
CA GLU B 83 -9.61 3.28 -4.82
C GLU B 83 -10.75 3.68 -5.75
N ASP B 84 -11.54 2.69 -6.19
CA ASP B 84 -12.64 2.95 -7.11
C ASP B 84 -13.97 2.88 -6.41
N ASN B 85 -13.94 2.61 -5.13
CA ASN B 85 -15.18 2.45 -4.37
C ASN B 85 -16.06 1.40 -5.10
N ALA B 86 -15.48 0.27 -5.50
CA ALA B 86 -16.26 -0.75 -6.22
C ALA B 86 -17.01 -1.65 -5.26
N PRO B 87 -18.30 -1.89 -5.52
CA PRO B 87 -19.05 -2.77 -4.62
C PRO B 87 -18.93 -4.25 -4.99
N LEU B 88 -18.51 -4.53 -6.23
CA LEU B 88 -18.40 -5.91 -6.75
C LEU B 88 -17.15 -6.22 -7.53
N ARG B 89 -16.71 -7.47 -7.42
CA ARG B 89 -15.54 -7.96 -8.11
C ARG B 89 -15.89 -9.39 -8.46
N ARG B 90 -16.14 -9.60 -9.74
CA ARG B 90 -16.52 -10.89 -10.27
C ARG B 90 -17.84 -11.34 -9.65
N GLY B 91 -18.83 -10.45 -9.72
CA GLY B 91 -20.15 -10.75 -9.17
C GLY B 91 -20.22 -10.82 -7.66
N GLN B 92 -19.08 -10.95 -6.97
CA GLN B 92 -19.08 -11.05 -5.50
C GLN B 92 -18.76 -9.72 -4.78
N THR B 93 -19.29 -9.57 -3.57
CA THR B 93 -19.05 -8.38 -2.77
C THR B 93 -17.51 -8.15 -2.53
N THR B 94 -17.05 -6.93 -2.76
CA THR B 94 -15.62 -6.66 -2.57
C THR B 94 -15.19 -6.84 -1.13
N SER B 95 -13.94 -7.22 -0.96
CA SER B 95 -13.37 -7.44 0.35
C SER B 95 -13.53 -6.31 1.34
N HIS B 96 -13.24 -5.08 0.88
CA HIS B 96 -13.27 -3.94 1.81
C HIS B 96 -14.65 -3.68 2.37
N LEU B 97 -15.70 -4.12 1.67
CA LEU B 97 -17.05 -3.92 2.23
C LEU B 97 -17.32 -4.98 3.31
N ILE B 98 -16.56 -6.07 3.31
CA ILE B 98 -16.76 -7.13 4.31
C ILE B 98 -15.81 -6.96 5.51
N PHE B 99 -14.53 -6.77 5.23
CA PHE B 99 -13.56 -6.63 6.31
C PHE B 99 -13.24 -5.20 6.68
N GLY B 100 -13.78 -4.24 5.96
CA GLY B 100 -13.52 -2.83 6.24
C GLY B 100 -12.33 -2.35 5.41
N VAL B 101 -12.33 -1.06 5.06
CA VAL B 101 -11.22 -0.53 4.29
C VAL B 101 -9.87 -0.68 5.03
N PRO B 102 -9.81 -0.35 6.35
CA PRO B 102 -8.58 -0.46 7.12
C PRO B 102 -7.87 -1.79 6.98
N SER B 103 -8.57 -2.88 7.28
CA SER B 103 -7.93 -4.20 7.21
C SER B 103 -7.56 -4.58 5.80
N THR B 104 -8.38 -4.17 4.84
CA THR B 104 -8.09 -4.57 3.46
C THR B 104 -6.89 -3.82 2.93
N ILE B 105 -6.73 -2.52 3.20
CA ILE B 105 -5.51 -1.85 2.73
C ILE B 105 -4.30 -2.48 3.36
N ASN B 106 -4.34 -2.68 4.69
CA ASN B 106 -3.18 -3.24 5.33
C ASN B 106 -2.81 -4.63 4.80
N THR B 107 -3.80 -5.52 4.70
CA THR B 107 -3.55 -6.85 4.17
C THR B 107 -3.01 -6.83 2.75
N ALA B 108 -3.53 -5.98 1.87
CA ALA B 108 -3.03 -5.97 0.49
C ALA B 108 -1.57 -5.52 0.48
N ASN B 109 -1.26 -4.50 1.28
CA ASN B 109 0.12 -3.97 1.34
C ASN B 109 1.04 -5.08 1.91
N TYR B 110 0.59 -5.76 2.96
CA TYR B 110 1.36 -6.86 3.53
C TYR B 110 1.70 -7.89 2.43
N MET B 111 0.74 -8.18 1.55
CA MET B 111 0.98 -9.18 0.50
C MET B 111 2.01 -8.71 -0.55
N TYR B 112 2.14 -7.39 -0.71
CA TYR B 112 3.16 -6.88 -1.65
C TYR B 112 4.50 -7.32 -1.12
N PHE B 113 4.73 -7.14 0.19
CA PHE B 113 5.99 -7.49 0.81
C PHE B 113 6.19 -9.01 0.88
N ARG B 114 5.10 -9.79 1.00
CA ARG B 114 5.24 -11.26 1.00
C ARG B 114 5.69 -11.64 -0.43
N ALA B 115 5.15 -10.97 -1.43
CA ALA B 115 5.56 -11.18 -2.81
C ALA B 115 7.08 -10.88 -2.91
N MET B 116 7.49 -9.75 -2.37
CA MET B 116 8.87 -9.34 -2.36
C MET B 116 9.79 -10.45 -1.76
N GLN B 117 9.33 -11.07 -0.67
CA GLN B 117 10.12 -12.14 -0.03
C GLN B 117 10.30 -13.38 -0.97
N LEU B 118 9.30 -13.66 -1.80
CA LEU B 118 9.40 -14.79 -2.72
C LEU B 118 10.47 -14.57 -3.77
N VAL B 119 10.70 -13.30 -4.14
CA VAL B 119 11.73 -12.97 -5.11
C VAL B 119 13.07 -13.47 -4.62
N SER B 120 13.34 -13.29 -3.31
CA SER B 120 14.60 -13.72 -2.69
C SER B 120 14.78 -15.21 -2.87
N GLN B 121 13.70 -15.95 -3.08
CA GLN B 121 13.82 -17.39 -3.26
C GLN B 121 13.92 -17.89 -4.70
N LEU B 122 13.92 -16.98 -5.67
CA LEU B 122 14.06 -17.39 -7.05
C LEU B 122 15.49 -17.87 -7.30
N THR B 123 16.46 -17.24 -6.64
CA THR B 123 17.85 -17.61 -6.85
C THR B 123 18.70 -17.23 -5.67
N THR B 124 19.90 -17.82 -5.57
CA THR B 124 20.83 -17.47 -4.52
C THR B 124 22.04 -16.78 -5.12
N LYS B 125 22.09 -16.66 -6.45
CA LYS B 125 23.21 -15.95 -7.08
C LYS B 125 23.00 -14.46 -6.82
N GLU B 126 23.87 -13.90 -5.98
CA GLU B 126 23.82 -12.48 -5.57
C GLU B 126 23.67 -11.48 -6.70
N PRO B 127 24.39 -11.71 -7.81
CA PRO B 127 24.27 -10.74 -8.92
C PRO B 127 22.85 -10.74 -9.48
N LEU B 128 22.43 -11.92 -9.93
CA LEU B 128 21.12 -12.13 -10.51
C LEU B 128 20.03 -11.74 -9.51
N TYR B 129 20.24 -12.00 -8.23
CA TYR B 129 19.23 -11.61 -7.24
C TYR B 129 19.02 -10.11 -7.29
N HIS B 130 20.13 -9.35 -7.34
CA HIS B 130 20.00 -7.91 -7.40
C HIS B 130 19.18 -7.51 -8.62
N ASN B 131 19.33 -8.25 -9.71
CA ASN B 131 18.59 -7.93 -10.90
C ASN B 131 17.11 -8.18 -10.69
N LEU B 132 16.75 -9.32 -10.09
CA LEU B 132 15.34 -9.62 -9.89
C LEU B 132 14.68 -8.58 -9.01
N ILE B 133 15.38 -8.14 -7.95
CA ILE B 133 14.81 -7.13 -7.05
C ILE B 133 14.63 -5.80 -7.79
N THR B 134 15.59 -5.45 -8.65
CA THR B 134 15.54 -4.21 -9.40
C THR B 134 14.34 -4.23 -10.33
N ILE B 135 14.10 -5.37 -10.97
CA ILE B 135 12.95 -5.54 -11.88
C ILE B 135 11.63 -5.33 -11.11
N PHE B 136 11.52 -6.04 -9.98
CA PHE B 136 10.37 -5.99 -9.07
C PHE B 136 10.12 -4.51 -8.66
N ASN B 137 11.17 -3.89 -8.15
CA ASN B 137 11.10 -2.52 -7.69
C ASN B 137 10.68 -1.54 -8.82
N GLU B 138 11.35 -1.61 -9.97
CA GLU B 138 11.05 -0.71 -11.08
C GLU B 138 9.61 -0.84 -11.55
N GLU B 139 9.12 -2.06 -11.69
CA GLU B 139 7.75 -2.20 -12.20
C GLU B 139 6.66 -1.87 -11.19
N LEU B 140 6.93 -2.06 -9.89
CA LEU B 140 5.95 -1.70 -8.87
C LEU B 140 5.90 -0.18 -8.88
N ILE B 141 7.06 0.43 -9.02
CA ILE B 141 7.08 1.91 -9.13
C ILE B 141 6.24 2.35 -10.37
N ASN B 142 6.40 1.69 -11.51
CA ASN B 142 5.63 2.07 -12.70
C ASN B 142 4.12 1.84 -12.51
N LEU B 143 3.76 0.71 -11.89
CA LEU B 143 2.36 0.40 -11.66
C LEU B 143 1.76 1.56 -10.81
N HIS B 144 2.48 1.99 -9.78
CA HIS B 144 1.95 3.06 -8.95
C HIS B 144 1.92 4.42 -9.65
N ARG B 145 2.90 4.71 -10.49
CA ARG B 145 2.84 6.00 -11.25
C ARG B 145 1.59 5.98 -12.16
N GLY B 146 1.41 4.85 -12.85
CA GLY B 146 0.28 4.79 -13.74
C GLY B 146 -1.06 4.89 -13.05
N GLN B 147 -1.20 4.15 -11.98
CA GLN B 147 -2.46 4.18 -11.25
C GLN B 147 -2.64 5.58 -10.64
N GLY B 148 -1.56 6.18 -10.14
CA GLY B 148 -1.73 7.50 -9.54
C GLY B 148 -2.24 8.53 -10.58
N LEU B 149 -1.79 8.42 -11.83
CA LEU B 149 -2.21 9.36 -12.89
C LEU B 149 -3.64 9.11 -13.28
N ASP B 150 -3.99 7.81 -13.37
CA ASP B 150 -5.36 7.43 -13.75
C ASP B 150 -6.29 8.02 -12.66
N ILE B 151 -5.93 7.86 -11.41
CA ILE B 151 -6.73 8.39 -10.29
C ILE B 151 -6.72 9.92 -10.31
N TYR B 152 -5.56 10.48 -10.59
CA TYR B 152 -5.50 11.94 -10.63
C TYR B 152 -6.48 12.51 -11.68
N TRP B 153 -6.43 12.00 -12.89
CA TRP B 153 -7.34 12.53 -13.92
C TRP B 153 -8.80 12.43 -13.48
N ARG B 154 -9.14 11.25 -12.94
CA ARG B 154 -10.52 11.00 -12.52
C ARG B 154 -10.93 11.93 -11.39
N ASP B 155 -10.08 12.06 -10.37
CA ASP B 155 -10.43 12.89 -9.26
C ASP B 155 -10.31 14.40 -9.43
N PHE B 156 -9.53 14.85 -10.40
CA PHE B 156 -9.39 16.29 -10.64
C PHE B 156 -10.23 16.76 -11.79
N LEU B 157 -10.91 15.82 -12.48
CA LEU B 157 -11.72 16.18 -13.65
C LEU B 157 -12.71 17.25 -13.17
N PRO B 158 -12.95 18.27 -14.00
CA PRO B 158 -12.39 18.47 -15.33
C PRO B 158 -11.14 19.32 -15.44
N GLU B 159 -10.23 19.27 -14.48
CA GLU B 159 -9.02 20.08 -14.60
C GLU B 159 -8.16 19.66 -15.82
N ILE B 160 -7.98 18.35 -16.01
CA ILE B 160 -7.18 17.86 -17.14
C ILE B 160 -7.96 16.81 -17.92
N ILE B 161 -7.97 16.92 -19.23
CA ILE B 161 -8.63 15.94 -20.04
C ILE B 161 -7.52 15.37 -20.88
N PRO B 162 -7.19 14.09 -20.64
CA PRO B 162 -6.10 13.52 -21.44
C PRO B 162 -6.41 13.27 -22.88
N THR B 163 -5.35 13.24 -23.64
CA THR B 163 -5.44 12.95 -25.06
C THR B 163 -5.17 11.44 -25.10
N GLN B 164 -5.46 10.84 -26.25
CA GLN B 164 -5.21 9.41 -26.46
C GLN B 164 -3.76 9.07 -26.16
N GLU B 165 -2.86 9.97 -26.54
CA GLU B 165 -1.45 9.69 -26.31
C GLU B 165 -1.14 9.69 -24.82
N MET B 166 -1.72 10.63 -24.09
CA MET B 166 -1.43 10.66 -22.66
C MET B 166 -2.01 9.39 -22.01
N TYR B 167 -3.21 8.98 -22.45
CA TYR B 167 -3.85 7.77 -21.89
C TYR B 167 -2.97 6.55 -22.13
N LEU B 168 -2.36 6.48 -23.33
CA LEU B 168 -1.53 5.32 -23.64
C LEU B 168 -0.28 5.29 -22.80
N ASN B 169 0.31 6.43 -22.49
CA ASN B 169 1.50 6.36 -21.64
C ASN B 169 1.07 5.94 -20.23
N MET B 170 -0.11 6.39 -19.81
CA MET B 170 -0.59 6.00 -18.48
C MET B 170 -0.74 4.47 -18.46
N VAL B 171 -1.36 3.91 -19.49
CA VAL B 171 -1.53 2.47 -19.54
C VAL B 171 -0.19 1.67 -19.57
N MET B 172 0.83 2.21 -20.28
CA MET B 172 2.13 1.54 -20.31
C MET B 172 2.66 1.39 -18.88
N ASN B 173 2.41 2.39 -18.05
CA ASN B 173 2.89 2.36 -16.67
C ASN B 173 1.98 1.46 -15.84
N LYS B 174 0.69 1.81 -15.80
CA LYS B 174 -0.32 1.14 -15.00
C LYS B 174 -0.61 -0.33 -15.26
N THR B 175 -0.96 -0.65 -16.51
CA THR B 175 -1.30 -2.02 -16.88
C THR B 175 -0.05 -2.78 -17.30
N GLY B 176 0.87 -2.11 -17.99
CA GLY B 176 2.08 -2.77 -18.42
C GLY B 176 2.99 -3.26 -17.29
N GLY B 177 3.06 -2.53 -16.19
CA GLY B 177 3.90 -2.94 -15.08
C GLY B 177 3.87 -4.43 -14.67
N LEU B 178 2.70 -5.00 -14.40
CA LEU B 178 2.63 -6.44 -14.01
C LEU B 178 2.93 -7.39 -15.20
N PHE B 179 2.55 -7.00 -16.41
CA PHE B 179 2.87 -7.82 -17.58
C PHE B 179 4.40 -7.83 -17.70
N ARG B 180 5.00 -6.65 -17.76
CA ARG B 180 6.46 -6.52 -17.82
C ARG B 180 7.21 -7.11 -16.64
N LEU B 181 6.62 -7.00 -15.43
CA LEU B 181 7.30 -7.54 -14.24
C LEU B 181 7.50 -9.04 -14.39
N THR B 182 6.42 -9.72 -14.70
CA THR B 182 6.41 -11.15 -14.87
C THR B 182 7.33 -11.60 -16.01
N LEU B 183 7.23 -10.91 -17.14
CA LEU B 183 8.07 -11.28 -18.28
C LEU B 183 9.55 -10.96 -18.03
N ARG B 184 9.87 -9.81 -17.42
CA ARG B 184 11.29 -9.52 -17.21
C ARG B 184 11.94 -10.48 -16.21
N LEU B 185 11.19 -10.90 -15.19
CA LEU B 185 11.72 -11.84 -14.22
C LEU B 185 12.05 -13.13 -14.98
N MET B 186 11.11 -13.59 -15.79
CA MET B 186 11.29 -14.83 -16.56
C MET B 186 12.47 -14.78 -17.54
N GLU B 187 12.63 -13.64 -18.20
CA GLU B 187 13.72 -13.51 -19.14
C GLU B 187 15.03 -13.47 -18.39
N ALA B 188 15.02 -12.92 -17.17
CA ALA B 188 16.31 -12.86 -16.45
C ALA B 188 16.67 -14.23 -15.88
N LEU B 189 15.65 -15.06 -15.65
CA LEU B 189 15.87 -16.39 -15.12
C LEU B 189 16.10 -17.46 -16.19
N SER B 190 15.72 -17.18 -17.43
CA SER B 190 15.87 -18.16 -18.51
C SER B 190 17.24 -18.80 -18.68
N PRO B 191 17.30 -20.14 -18.63
CA PRO B 191 18.60 -20.78 -18.79
C PRO B 191 18.89 -20.91 -20.27
N SER B 192 18.03 -20.28 -21.09
CA SER B 192 18.11 -20.31 -22.55
C SER B 192 18.73 -19.06 -23.21
N HIS B 197 15.42 -12.19 -29.17
CA HIS B 197 14.90 -10.81 -28.95
C HIS B 197 13.92 -10.83 -27.77
N SER B 198 14.01 -9.83 -26.91
CA SER B 198 13.09 -9.76 -25.78
C SER B 198 11.62 -9.76 -26.21
N LEU B 199 10.77 -10.30 -25.35
CA LEU B 199 9.34 -10.31 -25.59
C LEU B 199 8.63 -9.12 -24.86
N VAL B 200 9.40 -8.19 -24.28
CA VAL B 200 8.81 -7.05 -23.59
C VAL B 200 7.89 -6.26 -24.56
N PRO B 201 8.38 -5.93 -25.80
CA PRO B 201 7.51 -5.19 -26.73
C PRO B 201 6.18 -5.94 -26.88
N PHE B 202 6.25 -7.25 -27.08
CA PHE B 202 5.05 -8.03 -27.22
C PHE B 202 4.15 -7.96 -25.97
N ILE B 203 4.75 -8.08 -24.78
CA ILE B 203 3.98 -8.06 -23.53
C ILE B 203 3.36 -6.65 -23.27
N ASN B 204 4.02 -5.59 -23.74
CA ASN B 204 3.52 -4.20 -23.61
C ASN B 204 2.25 -4.05 -24.45
N LEU B 205 2.28 -4.64 -25.65
CA LEU B 205 1.15 -4.57 -26.57
C LEU B 205 -0.01 -5.39 -26.00
N LEU B 206 0.29 -6.52 -25.37
CA LEU B 206 -0.81 -7.30 -24.76
C LEU B 206 -1.45 -6.46 -23.67
N GLY B 207 -0.57 -5.83 -22.89
CA GLY B 207 -0.99 -4.98 -21.79
C GLY B 207 -1.95 -3.91 -22.30
N ILE B 208 -1.55 -3.22 -23.38
CA ILE B 208 -2.40 -2.19 -23.94
C ILE B 208 -3.73 -2.76 -24.47
N ILE B 209 -3.67 -3.89 -25.17
CA ILE B 209 -4.90 -4.46 -25.72
C ILE B 209 -5.77 -4.82 -24.54
N TYR B 210 -5.13 -5.40 -23.53
CA TYR B 210 -5.87 -5.79 -22.34
C TYR B 210 -6.65 -4.61 -21.73
N GLN B 211 -5.99 -3.47 -21.55
CA GLN B 211 -6.70 -2.37 -20.88
C GLN B 211 -7.79 -1.72 -21.75
N ILE B 212 -7.52 -1.56 -23.03
CA ILE B 212 -8.54 -0.95 -23.88
C ILE B 212 -9.76 -1.84 -23.99
N ARG B 213 -9.55 -3.16 -24.14
CA ARG B 213 -10.69 -4.07 -24.23
C ARG B 213 -11.42 -4.06 -22.91
N ASP B 214 -10.67 -4.01 -21.80
CA ASP B 214 -11.35 -3.96 -20.52
C ASP B 214 -12.25 -2.68 -20.53
N ASP B 215 -11.69 -1.52 -20.88
CA ASP B 215 -12.49 -0.27 -20.89
C ASP B 215 -13.69 -0.41 -21.86
N TYR B 216 -13.42 -0.97 -23.03
CA TYR B 216 -14.45 -1.17 -24.04
C TYR B 216 -15.61 -2.07 -23.54
N LEU B 217 -15.28 -3.26 -23.04
CA LEU B 217 -16.34 -4.19 -22.57
C LEU B 217 -17.18 -3.70 -21.40
N ASN B 218 -16.58 -2.87 -20.53
CA ASN B 218 -17.34 -2.29 -19.43
C ASN B 218 -18.58 -1.56 -19.94
N LEU B 219 -18.43 -0.89 -21.08
CA LEU B 219 -19.55 -0.13 -21.66
C LEU B 219 -20.43 -0.99 -22.59
N LYS B 220 -19.80 -1.90 -23.32
CA LYS B 220 -20.48 -2.75 -24.28
C LYS B 220 -21.34 -3.82 -23.61
N ASP B 221 -20.88 -4.42 -22.50
CA ASP B 221 -21.66 -5.42 -21.78
C ASP B 221 -22.94 -4.77 -21.23
N PHE B 222 -22.83 -3.51 -20.83
CA PHE B 222 -23.98 -2.78 -20.31
C PHE B 222 -24.95 -2.50 -21.48
N GLN B 223 -24.41 -2.07 -22.61
CA GLN B 223 -25.21 -1.79 -23.79
C GLN B 223 -25.84 -3.15 -24.24
N PHE B 230 -22.88 -3.51 -15.86
CA PHE B 230 -23.31 -2.32 -15.07
C PHE B 230 -22.66 -0.99 -15.52
N ALA B 231 -21.62 -1.06 -16.35
CA ALA B 231 -20.96 0.16 -16.79
C ALA B 231 -20.45 0.95 -15.58
N GLU B 232 -19.88 0.22 -14.61
CA GLU B 232 -19.35 0.84 -13.39
C GLU B 232 -18.28 1.91 -13.67
N ASP B 233 -17.60 1.79 -14.79
CA ASP B 233 -16.60 2.80 -15.14
C ASP B 233 -17.26 4.20 -15.19
N ILE B 234 -18.53 4.28 -15.59
CA ILE B 234 -19.20 5.56 -15.67
C ILE B 234 -19.44 6.10 -14.28
N THR B 235 -19.95 5.23 -13.39
CA THR B 235 -20.24 5.64 -12.03
C THR B 235 -18.95 6.16 -11.39
N GLU B 236 -17.83 5.54 -11.73
CA GLU B 236 -16.50 5.92 -11.19
C GLU B 236 -15.93 7.23 -11.80
N GLY B 237 -16.47 7.66 -12.94
CA GLY B 237 -15.99 8.89 -13.56
C GLY B 237 -14.64 8.71 -14.23
N LYS B 238 -14.33 7.45 -14.53
CA LYS B 238 -13.06 7.07 -15.16
C LYS B 238 -12.77 7.65 -16.58
N LEU B 239 -11.52 8.09 -16.82
CA LEU B 239 -11.16 8.56 -18.16
C LEU B 239 -10.80 7.29 -18.98
N SER B 240 -11.80 6.51 -19.34
CA SER B 240 -11.59 5.27 -20.10
C SER B 240 -11.23 5.60 -21.56
N PHE B 241 -10.67 4.63 -22.29
CA PHE B 241 -10.31 4.87 -23.68
C PHE B 241 -11.49 5.42 -24.52
N PRO B 242 -12.71 4.86 -24.38
CA PRO B 242 -13.78 5.48 -25.21
C PRO B 242 -14.16 6.93 -24.78
N ILE B 243 -14.06 7.18 -23.48
CA ILE B 243 -14.41 8.50 -22.95
C ILE B 243 -13.38 9.53 -23.42
N VAL B 244 -12.10 9.14 -23.44
CA VAL B 244 -11.00 10.02 -23.85
C VAL B 244 -11.25 10.39 -25.32
N HIS B 245 -11.59 9.38 -26.11
CA HIS B 245 -11.89 9.64 -27.51
C HIS B 245 -13.09 10.60 -27.62
N ALA B 246 -14.21 10.26 -26.99
CA ALA B 246 -15.38 11.11 -27.05
C ALA B 246 -15.09 12.56 -26.59
N LEU B 247 -14.33 12.74 -25.51
CA LEU B 247 -14.07 14.11 -25.03
C LEU B 247 -13.22 14.84 -26.03
N ASN B 248 -12.18 14.21 -26.55
CA ASN B 248 -11.37 14.91 -27.54
C ASN B 248 -12.08 15.12 -28.93
N PHE B 249 -12.97 14.23 -29.32
CA PHE B 249 -13.72 14.34 -30.58
C PHE B 249 -14.62 15.59 -30.53
N THR B 250 -15.38 15.71 -29.44
CA THR B 250 -16.28 16.84 -29.30
C THR B 250 -15.52 18.17 -29.20
N LYS B 251 -14.41 18.18 -28.50
CA LYS B 251 -13.64 19.41 -28.41
C LYS B 251 -13.21 19.85 -29.82
N THR B 252 -12.60 18.93 -30.56
CA THR B 252 -12.10 19.17 -31.92
C THR B 252 -13.23 19.64 -32.87
N LYS B 253 -14.34 18.93 -32.84
CA LYS B 253 -15.48 19.25 -33.68
C LYS B 253 -16.24 20.43 -33.15
N GLY B 254 -15.64 21.13 -32.18
CA GLY B 254 -16.27 22.28 -31.59
C GLY B 254 -17.68 22.04 -31.09
N GLN B 255 -18.00 20.82 -30.66
CA GLN B 255 -19.33 20.48 -30.15
C GLN B 255 -19.41 20.70 -28.62
N THR B 256 -19.39 21.97 -28.27
CA THR B 256 -19.43 22.43 -26.90
C THR B 256 -20.48 21.79 -25.99
N GLU B 257 -21.76 21.81 -26.36
CA GLU B 257 -22.74 21.19 -25.44
C GLU B 257 -22.56 19.70 -25.21
N GLN B 258 -22.07 19.00 -26.24
CA GLN B 258 -21.89 17.56 -26.13
C GLN B 258 -20.70 17.28 -25.20
N HIS B 259 -19.64 18.06 -25.38
CA HIS B 259 -18.45 17.94 -24.57
C HIS B 259 -18.83 18.11 -23.09
N ASN B 260 -19.56 19.19 -22.77
CA ASN B 260 -19.95 19.44 -21.42
C ASN B 260 -20.95 18.39 -20.87
N GLU B 261 -21.78 17.84 -21.73
CA GLU B 261 -22.74 16.83 -21.28
C GLU B 261 -21.98 15.56 -20.81
N ILE B 262 -20.96 15.16 -21.57
CA ILE B 262 -20.14 14.00 -21.17
C ILE B 262 -19.51 14.28 -19.80
N LEU B 263 -18.91 15.45 -19.64
CA LEU B 263 -18.31 15.82 -18.36
C LEU B 263 -19.29 15.78 -17.21
N ARG B 264 -20.49 16.32 -17.44
CA ARG B 264 -21.51 16.36 -16.40
C ARG B 264 -21.95 14.96 -15.93
N ILE B 265 -22.02 14.02 -16.85
CA ILE B 265 -22.46 12.69 -16.46
C ILE B 265 -21.32 12.04 -15.69
N LEU B 266 -20.10 12.20 -16.14
CA LEU B 266 -18.99 11.59 -15.38
C LEU B 266 -18.91 12.12 -13.95
N LEU B 267 -19.09 13.44 -13.81
CA LEU B 267 -19.03 14.13 -12.55
C LEU B 267 -20.17 13.78 -11.65
N LEU B 268 -21.27 13.24 -12.16
CA LEU B 268 -22.39 12.85 -11.27
C LEU B 268 -22.07 11.63 -10.40
N ARG B 269 -21.06 10.85 -10.77
CA ARG B 269 -20.71 9.59 -10.09
C ARG B 269 -22.04 8.86 -9.96
N THR B 270 -22.76 8.69 -11.07
CA THR B 270 -24.12 8.12 -11.01
C THR B 270 -24.22 6.61 -11.21
N SER B 271 -25.20 6.05 -10.51
CA SER B 271 -25.52 4.63 -10.61
C SER B 271 -26.85 4.51 -11.32
N ASP B 272 -27.42 5.64 -11.75
CA ASP B 272 -28.72 5.62 -12.43
C ASP B 272 -28.62 5.01 -13.82
N LYS B 273 -29.25 3.86 -14.01
CA LYS B 273 -29.19 3.19 -15.30
C LYS B 273 -29.53 4.08 -16.49
N ASP B 274 -30.58 4.90 -16.41
CA ASP B 274 -30.94 5.75 -17.55
C ASP B 274 -29.90 6.82 -17.90
N ILE B 275 -29.26 7.37 -16.86
CA ILE B 275 -28.27 8.40 -17.14
C ILE B 275 -27.07 7.73 -17.74
N LYS B 276 -26.73 6.54 -17.28
CA LYS B 276 -25.59 5.84 -17.86
C LYS B 276 -25.86 5.54 -19.33
N LEU B 277 -27.09 5.08 -19.63
CA LEU B 277 -27.45 4.79 -21.04
C LEU B 277 -27.34 6.07 -21.89
N LYS B 278 -27.69 7.22 -21.32
CA LYS B 278 -27.60 8.48 -22.04
C LYS B 278 -26.17 8.76 -22.48
N LEU B 279 -25.19 8.50 -21.60
CA LEU B 279 -23.78 8.73 -21.95
C LEU B 279 -23.38 7.74 -23.06
N ILE B 280 -23.83 6.50 -22.94
CA ILE B 280 -23.47 5.55 -23.99
C ILE B 280 -24.10 5.99 -25.32
N GLN B 281 -25.34 6.50 -25.30
CA GLN B 281 -25.94 6.91 -26.57
C GLN B 281 -25.16 8.11 -27.15
N ILE B 282 -24.59 8.94 -26.28
CA ILE B 282 -23.75 10.03 -26.79
C ILE B 282 -22.55 9.38 -27.51
N LEU B 283 -21.96 8.35 -26.90
CA LEU B 283 -20.78 7.74 -27.53
C LEU B 283 -21.12 6.92 -28.77
N GLU B 284 -22.32 6.36 -28.83
CA GLU B 284 -22.70 5.56 -30.00
C GLU B 284 -23.13 6.45 -31.18
N PHE B 285 -24.04 7.40 -30.94
CA PHE B 285 -24.60 8.29 -31.97
C PHE B 285 -23.86 9.59 -32.32
N ASP B 286 -23.17 10.23 -31.38
CA ASP B 286 -22.48 11.49 -31.69
C ASP B 286 -21.00 11.38 -32.01
N THR B 287 -20.26 10.64 -31.18
CA THR B 287 -18.82 10.54 -31.38
C THR B 287 -18.47 9.21 -32.00
N ASN B 288 -19.37 8.24 -31.96
CA ASN B 288 -19.09 6.93 -32.52
C ASN B 288 -17.83 6.36 -31.84
N SER B 289 -17.67 6.70 -30.56
CA SER B 289 -16.51 6.25 -29.79
C SER B 289 -16.39 4.72 -29.60
N LEU B 290 -17.52 4.02 -29.44
CA LEU B 290 -17.45 2.57 -29.20
C LEU B 290 -16.97 1.83 -30.46
N ALA B 291 -17.48 2.25 -31.61
CA ALA B 291 -17.06 1.65 -32.87
C ALA B 291 -15.57 2.03 -33.07
N TYR B 292 -15.17 3.25 -32.72
CA TYR B 292 -13.75 3.64 -32.89
C TYR B 292 -12.84 2.78 -32.00
N THR B 293 -13.31 2.43 -30.82
CA THR B 293 -12.46 1.65 -29.91
C THR B 293 -12.33 0.22 -30.41
N LYS B 294 -13.45 -0.36 -30.84
CA LYS B 294 -13.51 -1.72 -31.35
C LYS B 294 -12.51 -1.86 -32.48
N ASN B 295 -12.52 -0.86 -33.35
CA ASN B 295 -11.62 -0.87 -34.47
C ASN B 295 -10.16 -0.69 -34.00
N PHE B 296 -9.96 0.14 -32.97
CA PHE B 296 -8.60 0.38 -32.48
C PHE B 296 -8.01 -0.92 -31.87
N ILE B 297 -8.81 -1.64 -31.11
CA ILE B 297 -8.37 -2.91 -30.53
C ILE B 297 -8.05 -3.91 -31.67
N ASN B 298 -9.01 -4.06 -32.60
CA ASN B 298 -8.83 -4.99 -33.75
C ASN B 298 -7.51 -4.69 -34.44
N GLN B 299 -7.15 -3.43 -34.61
CA GLN B 299 -5.87 -3.13 -35.25
C GLN B 299 -4.70 -3.55 -34.38
N LEU B 300 -4.82 -3.33 -33.06
CA LEU B 300 -3.72 -3.71 -32.16
C LEU B 300 -3.52 -5.21 -32.34
N VAL B 301 -4.63 -5.94 -32.29
CA VAL B 301 -4.57 -7.38 -32.43
C VAL B 301 -3.98 -7.85 -33.76
N ASN B 302 -4.28 -7.14 -34.85
CA ASN B 302 -3.73 -7.54 -36.14
C ASN B 302 -2.22 -7.32 -36.19
N MET B 303 -1.70 -6.39 -35.40
CA MET B 303 -0.24 -6.17 -35.39
C MET B 303 0.46 -7.41 -34.91
N ILE B 304 -0.31 -8.34 -34.35
CA ILE B 304 0.27 -9.57 -33.86
C ILE B 304 -0.12 -10.69 -34.82
N LYS B 305 -1.41 -10.76 -35.12
CA LYS B 305 -1.93 -11.76 -36.05
C LYS B 305 -1.15 -11.76 -37.37
N ASN B 306 -0.82 -10.58 -37.89
CA ASN B 306 -0.08 -10.48 -39.14
C ASN B 306 1.41 -10.30 -38.91
N ASP B 307 1.94 -10.91 -37.85
CA ASP B 307 3.37 -10.81 -37.57
C ASP B 307 4.00 -12.12 -38.04
N ASN B 308 4.16 -12.21 -39.36
CA ASN B 308 4.72 -13.39 -40.00
C ASN B 308 6.23 -13.46 -39.75
N GLU B 309 6.92 -12.36 -40.04
CA GLU B 309 8.35 -12.29 -39.85
C GLU B 309 8.71 -12.25 -38.35
N ASN B 310 7.73 -12.61 -37.51
CA ASN B 310 7.88 -12.64 -36.06
C ASN B 310 8.67 -11.49 -35.42
N LYS B 311 8.17 -10.26 -35.55
CA LYS B 311 8.87 -9.14 -34.95
C LYS B 311 8.57 -9.07 -33.45
N TYR B 312 7.32 -9.28 -33.07
CA TYR B 312 6.91 -9.23 -31.66
C TYR B 312 6.83 -10.62 -31.09
N LEU B 313 6.19 -11.49 -31.84
CA LEU B 313 6.03 -12.89 -31.47
C LEU B 313 7.41 -13.52 -31.41
N PRO B 314 7.51 -14.72 -30.82
CA PRO B 314 8.83 -15.34 -30.76
C PRO B 314 8.99 -16.23 -31.99
N LEU B 330 -1.65 -18.80 -28.13
CA LEU B 330 -1.48 -17.32 -28.31
C LEU B 330 -2.75 -16.68 -28.83
N LEU B 331 -3.16 -17.10 -30.00
CA LEU B 331 -4.39 -16.62 -30.61
C LEU B 331 -5.43 -16.81 -29.50
N TYR B 332 -5.42 -18.01 -28.91
CA TYR B 332 -6.34 -18.34 -27.82
C TYR B 332 -6.20 -17.33 -26.66
N ILE B 333 -4.98 -17.07 -26.22
CA ILE B 333 -4.74 -16.15 -25.13
C ILE B 333 -5.38 -14.81 -25.45
N ILE B 334 -5.01 -14.22 -26.57
CA ILE B 334 -5.54 -12.92 -26.99
C ILE B 334 -7.06 -12.86 -27.02
N ASP B 335 -7.69 -13.97 -27.36
CA ASP B 335 -9.14 -14.00 -27.40
C ASP B 335 -9.74 -14.18 -26.02
N HIS B 336 -8.92 -14.58 -25.07
CA HIS B 336 -9.38 -14.77 -23.70
C HIS B 336 -8.61 -13.84 -22.74
N LEU B 337 -8.07 -12.76 -23.30
CA LEU B 337 -7.30 -11.76 -22.56
C LEU B 337 -8.17 -11.03 -21.56
N SER B 338 -9.45 -10.96 -21.83
CA SER B 338 -10.37 -10.27 -20.95
C SER B 338 -10.55 -11.01 -19.63
N GLU B 339 -9.92 -12.17 -19.48
CA GLU B 339 -10.07 -12.87 -18.20
C GLU B 339 -8.78 -13.07 -17.43
N LEU B 340 -7.75 -12.33 -17.83
CA LEU B 340 -6.48 -12.37 -17.14
C LEU B 340 -6.73 -11.75 -15.77
CAA B71 C . 15.81 5.17 14.94
CAL B71 C . 14.58 6.05 14.69
CAM B71 C . 13.92 5.70 13.36
CAN B71 C . 12.57 6.40 13.18
CAO B71 C . 11.67 6.15 14.40
CAP B71 C . 10.20 6.40 14.08
CAQ B71 C . 9.41 6.61 15.37
CAR B71 C . 7.90 6.56 15.14
CAS B71 C . 7.42 5.11 14.98
CAT B71 C . 5.92 5.06 14.71
OAV B71 C . 5.46 3.70 14.72
CAW B71 C . 4.18 3.66 14.28
CAK B71 C . 3.36 4.78 14.40
CAI B71 C . 3.66 2.50 13.72
CAH B71 C . 2.35 2.45 13.27
CAJ B71 C . 1.53 3.56 13.38
NAY B71 C . 2.03 4.74 13.95
CAU B71 C . 1.16 5.92 14.12
CAX B71 C . 1.15 6.35 15.60
PBA B71 C . 0.23 7.93 15.78
OAF B71 C . -1.12 7.76 14.93
OAG B71 C . -0.18 8.07 17.34
OAC B71 C . 1.05 9.08 15.36
PAZ B71 C . 0.47 4.99 16.64
OAD B71 C . 0.01 5.62 18.03
OAE B71 C . -0.85 4.44 15.91
OAB B71 C . 1.48 3.92 16.83
CAA B71 D . 1.74 -12.49 -18.09
CAL B71 D . 0.88 -12.36 -16.83
CAM B71 D . 1.10 -11.01 -16.16
CAN B71 D . 0.40 -10.96 -14.80
CAO B71 D . -1.12 -10.98 -14.92
CAP B71 D . -1.67 -9.65 -15.43
CAQ B71 D . -3.20 -9.65 -15.35
CAR B71 D . -3.79 -8.28 -15.67
CAS B71 D . -3.26 -7.23 -14.70
CAT B71 D . -3.98 -5.88 -14.84
OAV B71 D . -3.28 -4.96 -14.01
CAW B71 D . -4.07 -3.97 -13.50
CAK B71 D . -5.42 -4.18 -13.27
CAI B71 D . -3.48 -2.76 -13.14
CAH B71 D . -4.24 -1.75 -12.54
CAJ B71 D . -5.59 -1.97 -12.29
NAY B71 D . -6.19 -3.18 -12.66
CAU B71 D . -7.62 -3.41 -12.37
CAX B71 D . -8.46 -3.36 -13.64
PBA B71 D . -10.16 -3.94 -13.29
OAF B71 D . -10.70 -3.02 -12.08
OAG B71 D . -11.09 -3.61 -14.57
OAC B71 D . -10.18 -5.38 -12.97
PAZ B71 D . -8.43 -1.67 -14.39
OAD B71 D . -9.46 -1.72 -15.63
OAE B71 D . -9.03 -0.64 -13.32
OAB B71 D . -7.07 -1.30 -14.82
#